data_2PQR
#
_entry.id   2PQR
#
_cell.length_a   60.408
_cell.length_b   46.948
_cell.length_c   64.468
_cell.angle_alpha   90.00
_cell.angle_beta   99.21
_cell.angle_gamma   90.00
#
_symmetry.space_group_name_H-M   'P 1 21 1'
#
loop_
_entity.id
_entity.type
_entity.pdbx_description
1 polymer 'Mitochondria fission 1 protein'
2 polymer 'WD repeat protein YKR036C'
3 non-polymer 'GOLD ION'
4 water water
#
loop_
_entity_poly.entity_id
_entity_poly.type
_entity_poly.pdbx_seq_one_letter_code
_entity_poly.pdbx_strand_id
1 'polypeptide(L)'
;MTKVDFWPTLKDAYEPLYPQQLEILRQQVVSEGGPTATIQSRFNYAWGLIKSTDVNDERLGVKILTDIYKEAESRRRECL
YYLTIGCYKLGEYSMAKRYVDTLFEHERNNKQVGALKSMVEDKIQKETL
;
A,B
2 'polypeptide(L)' GSHMQKGQVGIFSFQNNYADSATTFRILAHLDEQRYPLPNGAAEKNLPSLFEGFKATVSIIQQR C,D
#
loop_
_chem_comp.id
_chem_comp.type
_chem_comp.name
_chem_comp.formula
AU non-polymer 'GOLD ION' 'Au 1'
#
# COMPACT_ATOMS: atom_id res chain seq x y z
N ASP A 5 10.79 9.83 2.90
CA ASP A 5 10.51 11.23 3.32
C ASP A 5 9.96 12.11 2.19
N PHE A 6 9.26 11.48 1.26
CA PHE A 6 8.58 12.17 0.17
C PHE A 6 7.42 12.98 0.76
N TRP A 7 7.71 14.25 1.05
CA TRP A 7 6.76 15.14 1.74
C TRP A 7 6.15 16.21 0.81
N PRO A 8 5.01 16.81 1.21
CA PRO A 8 4.36 17.85 0.39
C PRO A 8 5.06 19.19 0.53
N THR A 9 4.96 20.04 -0.50
CA THR A 9 5.46 21.41 -0.41
C THR A 9 4.29 22.34 -0.06
N LEU A 10 4.60 23.60 0.27
CA LEU A 10 3.54 24.59 0.46
C LEU A 10 2.67 24.66 -0.78
N LYS A 11 3.33 24.67 -1.95
CA LYS A 11 2.68 24.79 -3.25
C LYS A 11 1.50 23.85 -3.47
N ASP A 12 1.70 22.56 -3.15
CA ASP A 12 0.65 21.54 -3.32
C ASP A 12 -0.56 21.81 -2.42
N ALA A 13 -0.29 22.14 -1.16
CA ALA A 13 -1.31 22.39 -0.13
C ALA A 13 -2.27 23.53 -0.47
N TYR A 14 -1.93 24.32 -1.49
CA TYR A 14 -2.68 25.53 -1.84
C TYR A 14 -3.48 25.39 -3.14
N GLU A 15 -3.50 24.19 -3.73
CA GLU A 15 -4.28 23.91 -4.93
C GLU A 15 -5.39 22.93 -4.60
N PRO A 16 -6.65 23.34 -4.75
CA PRO A 16 -7.75 22.46 -4.31
C PRO A 16 -8.05 21.33 -5.30
N LEU A 17 -8.78 20.31 -4.83
CA LEU A 17 -9.33 19.29 -5.74
C LEU A 17 -10.77 19.66 -6.11
N TYR A 18 -11.28 19.06 -7.19
CA TYR A 18 -12.71 19.18 -7.51
C TYR A 18 -13.58 18.64 -6.39
N PRO A 19 -14.81 19.18 -6.21
CA PRO A 19 -15.67 18.65 -5.13
C PRO A 19 -15.88 17.12 -5.18
N GLN A 20 -16.02 16.55 -6.39
CA GLN A 20 -16.33 15.12 -6.59
C GLN A 20 -15.16 14.17 -6.28
N GLN A 21 -13.94 14.64 -6.55
CA GLN A 21 -12.71 13.96 -6.11
C GLN A 21 -12.61 13.93 -4.59
N LEU A 22 -12.82 15.07 -3.94
CA LEU A 22 -12.73 15.11 -2.47
C LEU A 22 -13.78 14.15 -1.90
N GLU A 23 -14.94 14.12 -2.54
CA GLU A 23 -16.06 13.29 -2.12
C GLU A 23 -15.73 11.79 -2.17
N ILE A 24 -15.04 11.38 -3.23
CA ILE A 24 -14.46 10.04 -3.33
C ILE A 24 -13.54 9.70 -2.15
N LEU A 25 -12.66 10.62 -1.78
CA LEU A 25 -11.76 10.38 -0.65
C LEU A 25 -12.56 10.28 0.63
N ARG A 26 -13.59 11.12 0.73
CA ARG A 26 -14.54 11.06 1.84
C ARG A 26 -15.28 9.73 1.87
N GLN A 27 -15.84 9.33 0.73
CA GLN A 27 -16.59 8.08 0.63
C GLN A 27 -15.72 6.87 1.02
N GLN A 28 -14.48 6.83 0.55
CA GLN A 28 -13.54 5.76 0.96
C GLN A 28 -13.38 5.71 2.50
N VAL A 29 -13.28 6.88 3.14
CA VAL A 29 -13.17 6.97 4.62
C VAL A 29 -14.39 6.36 5.32
N VAL A 30 -15.59 6.86 4.98
CA VAL A 30 -16.87 6.31 5.46
C VAL A 30 -16.99 4.79 5.24
N SER A 31 -16.65 4.33 4.04
CA SER A 31 -16.59 2.91 3.70
C SER A 31 -15.83 2.07 4.72
N GLU A 32 -14.62 2.50 5.06
CA GLU A 32 -13.74 1.72 5.92
C GLU A 32 -14.05 1.86 7.40
N GLY A 33 -14.97 2.75 7.76
CA GLY A 33 -15.41 2.91 9.15
C GLY A 33 -15.27 4.29 9.77
N GLY A 34 -15.09 5.32 8.95
CA GLY A 34 -14.98 6.69 9.46
C GLY A 34 -13.70 6.91 10.25
N PRO A 35 -13.81 7.31 11.53
CA PRO A 35 -12.64 7.55 12.36
C PRO A 35 -11.80 6.29 12.60
N THR A 36 -12.40 5.13 12.36
CA THR A 36 -11.72 3.84 12.48
C THR A 36 -11.20 3.30 11.14
N ALA A 37 -11.34 4.08 10.06
CA ALA A 37 -10.82 3.69 8.75
C ALA A 37 -9.30 3.58 8.79
N THR A 38 -8.69 3.05 7.74
CA THR A 38 -7.24 2.93 7.70
C THR A 38 -6.58 4.31 7.81
N ILE A 39 -5.37 4.34 8.35
CA ILE A 39 -4.55 5.53 8.38
C ILE A 39 -4.32 6.16 6.97
N GLN A 40 -4.00 5.33 5.96
CA GLN A 40 -3.78 5.87 4.61
C GLN A 40 -5.03 6.61 4.11
N SER A 41 -6.20 6.01 4.27
CA SER A 41 -7.41 6.63 3.70
C SER A 41 -7.81 7.87 4.47
N ARG A 42 -7.63 7.85 5.78
CA ARG A 42 -7.88 9.05 6.59
C ARG A 42 -6.93 10.19 6.20
N PHE A 43 -5.65 9.87 6.01
CA PHE A 43 -4.71 10.89 5.56
C PHE A 43 -5.09 11.49 4.22
N ASN A 44 -5.39 10.63 3.24
CA ASN A 44 -5.77 11.06 1.89
C ASN A 44 -6.89 12.09 1.91
N TYR A 45 -7.88 11.84 2.75
CA TYR A 45 -9.02 12.76 3.00
C TYR A 45 -8.59 14.01 3.77
N ALA A 46 -7.81 13.84 4.84
CA ALA A 46 -7.26 14.99 5.58
C ALA A 46 -6.46 15.95 4.68
N TRP A 47 -5.62 15.39 3.79
CA TRP A 47 -4.83 16.24 2.88
C TRP A 47 -5.72 16.96 1.87
N GLY A 48 -6.66 16.25 1.27
CA GLY A 48 -7.61 16.87 0.38
C GLY A 48 -8.37 17.99 1.03
N LEU A 49 -8.71 17.81 2.31
CA LEU A 49 -9.40 18.82 3.09
C LEU A 49 -8.50 20.03 3.32
N ILE A 50 -7.23 19.77 3.65
CA ILE A 50 -6.25 20.84 3.88
C ILE A 50 -6.02 21.66 2.61
N LYS A 51 -6.05 20.97 1.46
CA LYS A 51 -5.96 21.63 0.17
C LYS A 51 -7.17 22.51 -0.17
N SER A 52 -8.34 22.14 0.36
CA SER A 52 -9.60 22.90 0.16
C SER A 52 -9.42 24.40 0.41
N THR A 53 -10.29 25.23 -0.16
CA THR A 53 -10.21 26.67 0.06
C THR A 53 -11.06 27.10 1.24
N ASP A 54 -11.83 26.15 1.78
CA ASP A 54 -12.75 26.42 2.86
C ASP A 54 -12.05 26.24 4.21
N VAL A 55 -11.93 27.33 4.96
CA VAL A 55 -11.22 27.29 6.24
C VAL A 55 -11.67 26.14 7.15
N ASN A 56 -12.96 25.81 7.13
CA ASN A 56 -13.49 24.75 7.99
C ASN A 56 -13.12 23.32 7.57
N ASP A 57 -13.00 23.11 6.25
CA ASP A 57 -12.41 21.89 5.71
C ASP A 57 -10.97 21.77 6.17
N GLU A 58 -10.22 22.87 6.05
CA GLU A 58 -8.80 22.89 6.41
C GLU A 58 -8.59 22.54 7.90
N ARG A 59 -9.43 23.11 8.77
CA ARG A 59 -9.46 22.81 10.20
C ARG A 59 -9.77 21.35 10.49
N LEU A 60 -10.72 20.78 9.73
CA LEU A 60 -11.06 19.37 9.91
C LEU A 60 -9.91 18.52 9.44
N GLY A 61 -9.28 18.91 8.32
CA GLY A 61 -8.13 18.17 7.80
C GLY A 61 -7.03 18.10 8.82
N VAL A 62 -6.72 19.26 9.44
CA VAL A 62 -5.74 19.35 10.53
C VAL A 62 -6.17 18.54 11.77
N LYS A 63 -7.45 18.61 12.14
CA LYS A 63 -7.93 17.75 13.24
C LYS A 63 -7.69 16.24 12.96
N ILE A 64 -8.07 15.77 11.76
CA ILE A 64 -7.83 14.37 11.38
C ILE A 64 -6.35 13.98 11.42
N LEU A 65 -5.48 14.88 10.96
CA LEU A 65 -4.05 14.62 11.02
C LEU A 65 -3.57 14.50 12.46
N THR A 66 -4.17 15.27 13.36
CA THR A 66 -3.78 15.25 14.77
C THR A 66 -4.15 13.88 15.32
N ASP A 67 -5.36 13.42 14.98
CA ASP A 67 -5.82 12.07 15.32
C ASP A 67 -4.86 10.97 14.83
N ILE A 68 -4.34 11.11 13.61
CA ILE A 68 -3.36 10.15 13.08
C ILE A 68 -2.12 10.16 13.97
N TYR A 69 -1.57 11.37 14.20
CA TYR A 69 -0.41 11.60 15.06
C TYR A 69 -0.54 10.91 16.41
N LYS A 70 -1.72 11.04 17.00
CA LYS A 70 -1.99 10.49 18.31
C LYS A 70 -1.93 8.97 18.25
N GLU A 71 -2.73 8.42 17.35
CA GLU A 71 -2.92 6.97 17.23
C GLU A 71 -1.67 6.23 16.77
N ALA A 72 -0.97 6.77 15.76
CA ALA A 72 0.16 6.10 15.13
C ALA A 72 1.54 6.67 15.48
N GLU A 73 2.20 6.07 16.48
CA GLU A 73 3.57 6.45 16.86
C GLU A 73 4.56 6.41 15.67
N SER A 74 4.36 5.45 14.76
CA SER A 74 5.22 5.28 13.60
C SER A 74 5.00 6.35 12.52
N ARG A 75 4.00 7.21 12.74
CA ARG A 75 3.64 8.27 11.78
C ARG A 75 3.85 9.68 12.34
N ARG A 76 4.26 9.77 13.60
CA ARG A 76 4.34 11.07 14.26
C ARG A 76 5.27 12.06 13.54
N ARG A 77 6.50 11.66 13.25
CA ARG A 77 7.49 12.52 12.59
C ARG A 77 6.92 13.18 11.31
N GLU A 78 6.48 12.37 10.34
CA GLU A 78 5.95 12.92 9.09
C GLU A 78 4.70 13.78 9.28
N CYS A 79 3.86 13.40 10.26
CA CYS A 79 2.63 14.12 10.56
C CYS A 79 2.91 15.49 11.15
N LEU A 80 3.98 15.61 11.95
CA LEU A 80 4.42 16.91 12.46
C LEU A 80 4.68 17.88 11.33
N TYR A 81 5.31 17.37 10.27
CA TYR A 81 5.57 18.11 9.04
C TYR A 81 4.26 18.49 8.32
N TYR A 82 3.37 17.51 8.14
CA TYR A 82 2.07 17.74 7.51
C TYR A 82 1.28 18.75 8.34
N LEU A 83 1.29 18.54 9.66
CA LEU A 83 0.62 19.45 10.61
C LEU A 83 1.14 20.89 10.52
N THR A 84 2.46 21.04 10.36
CA THR A 84 3.08 22.38 10.22
C THR A 84 2.54 23.11 8.98
N ILE A 85 2.45 22.41 7.86
CA ILE A 85 1.94 23.02 6.63
C ILE A 85 0.46 23.44 6.78
N GLY A 86 -0.35 22.55 7.35
CA GLY A 86 -1.80 22.80 7.50
C GLY A 86 -2.12 23.93 8.45
N CYS A 87 -1.41 23.97 9.57
CA CYS A 87 -1.52 25.10 10.52
C CYS A 87 -1.03 26.42 9.95
N TYR A 88 0.05 26.39 9.17
CA TYR A 88 0.52 27.56 8.43
C TYR A 88 -0.62 28.10 7.57
N LYS A 89 -1.13 27.27 6.66
CA LYS A 89 -2.24 27.67 5.78
C LYS A 89 -3.40 28.34 6.55
N LEU A 90 -3.68 27.85 7.75
CA LEU A 90 -4.77 28.39 8.57
C LEU A 90 -4.42 29.65 9.37
N GLY A 91 -3.15 30.07 9.30
CA GLY A 91 -2.69 31.24 10.07
C GLY A 91 -2.43 30.90 11.52
N GLU A 92 -2.32 29.61 11.80
CA GLU A 92 -2.13 29.13 13.15
C GLU A 92 -0.62 28.96 13.38
N TYR A 93 0.10 30.09 13.35
CA TYR A 93 1.57 30.07 13.34
C TYR A 93 2.21 29.59 14.63
N SER A 94 1.56 29.85 15.75
CA SER A 94 2.03 29.40 17.06
C SER A 94 2.08 27.86 17.10
N MET A 95 1.05 27.22 16.56
CA MET A 95 1.04 25.77 16.43
C MET A 95 2.11 25.28 15.46
N ALA A 96 2.13 25.87 14.26
CA ALA A 96 3.13 25.56 13.23
C ALA A 96 4.60 25.74 13.70
N LYS A 97 4.87 26.81 14.45
CA LYS A 97 6.19 27.02 15.07
C LYS A 97 6.53 25.87 16.01
N ARG A 98 5.62 25.55 16.92
CA ARG A 98 5.82 24.53 17.95
C ARG A 98 6.08 23.16 17.36
N TYR A 99 5.30 22.81 16.33
CA TYR A 99 5.42 21.52 15.66
C TYR A 99 6.75 21.38 14.92
N VAL A 100 7.06 22.33 14.04
CA VAL A 100 8.31 22.27 13.28
C VAL A 100 9.55 22.33 14.17
N ASP A 101 9.41 22.91 15.37
CA ASP A 101 10.43 22.89 16.41
C ASP A 101 10.71 21.46 16.90
N THR A 102 9.66 20.73 17.27
CA THR A 102 9.80 19.33 17.71
C THR A 102 10.41 18.47 16.61
N ASP B 5 -1.84 -10.11 9.20
CA ASP B 5 -1.47 -10.04 7.76
C ASP B 5 -2.74 -10.06 6.94
N PHE B 6 -3.08 -8.88 6.45
CA PHE B 6 -4.22 -8.80 5.55
C PHE B 6 -3.69 -9.28 4.20
N TRP B 7 -3.84 -10.57 3.95
CA TRP B 7 -3.39 -11.17 2.71
C TRP B 7 -4.57 -11.79 1.93
N PRO B 8 -4.42 -11.93 0.59
CA PRO B 8 -5.47 -12.51 -0.24
C PRO B 8 -5.64 -13.98 0.05
N THR B 9 -6.82 -14.53 -0.28
CA THR B 9 -7.08 -15.97 -0.22
C THR B 9 -6.82 -16.53 -1.62
N LEU B 10 -6.72 -17.86 -1.79
CA LEU B 10 -6.70 -18.45 -3.14
C LEU B 10 -7.92 -18.02 -3.95
N LYS B 11 -9.08 -17.93 -3.29
CA LYS B 11 -10.33 -17.46 -3.88
C LYS B 11 -10.24 -16.06 -4.49
N ASP B 12 -9.71 -15.14 -3.69
CA ASP B 12 -9.42 -13.78 -4.13
C ASP B 12 -8.65 -13.78 -5.43
N ALA B 13 -7.70 -14.69 -5.51
CA ALA B 13 -6.78 -14.74 -6.62
C ALA B 13 -7.41 -15.21 -7.94
N TYR B 14 -8.56 -15.91 -7.83
CA TYR B 14 -9.28 -16.40 -9.03
C TYR B 14 -10.39 -15.42 -9.50
N GLU B 15 -10.54 -14.31 -8.79
CA GLU B 15 -11.52 -13.29 -9.14
C GLU B 15 -10.82 -12.27 -10.02
N PRO B 16 -11.15 -12.21 -11.32
CA PRO B 16 -10.45 -11.17 -12.11
C PRO B 16 -10.92 -9.75 -11.81
N LEU B 17 -10.12 -8.76 -12.21
CA LEU B 17 -10.61 -7.41 -12.29
C LEU B 17 -11.23 -7.20 -13.66
N TYR B 18 -12.02 -6.14 -13.81
CA TYR B 18 -12.49 -5.73 -15.11
C TYR B 18 -11.28 -5.27 -15.89
N PRO B 19 -11.30 -5.47 -17.21
CA PRO B 19 -10.15 -5.04 -18.01
C PRO B 19 -9.87 -3.54 -17.81
N GLN B 20 -10.91 -2.71 -17.75
CA GLN B 20 -10.66 -1.27 -17.58
C GLN B 20 -9.91 -0.93 -16.27
N GLN B 21 -10.16 -1.68 -15.20
CA GLN B 21 -9.48 -1.48 -13.90
C GLN B 21 -8.01 -1.91 -14.01
N LEU B 22 -7.77 -3.05 -14.68
CA LEU B 22 -6.38 -3.51 -14.87
C LEU B 22 -5.58 -2.50 -15.69
N GLU B 23 -6.26 -1.94 -16.68
CA GLU B 23 -5.68 -0.90 -17.55
C GLU B 23 -5.26 0.31 -16.78
N ILE B 24 -6.10 0.74 -15.84
CA ILE B 24 -5.77 1.88 -14.98
C ILE B 24 -4.55 1.59 -14.10
N LEU B 25 -4.47 0.37 -13.54
CA LEU B 25 -3.30 0.00 -12.74
C LEU B 25 -2.03 -0.01 -13.58
N ARG B 26 -2.12 -0.53 -14.79
CA ARG B 26 -0.96 -0.52 -15.71
C ARG B 26 -0.50 0.92 -16.09
N GLN B 27 -1.45 1.76 -16.46
CA GLN B 27 -1.16 3.17 -16.75
C GLN B 27 -0.55 3.91 -15.55
N GLN B 28 -0.99 3.58 -14.33
CA GLN B 28 -0.38 4.23 -13.14
C GLN B 28 1.11 3.87 -13.02
N VAL B 29 1.44 2.62 -13.30
CA VAL B 29 2.85 2.19 -13.30
C VAL B 29 3.71 2.89 -14.36
N VAL B 30 3.17 3.01 -15.58
CA VAL B 30 3.76 3.80 -16.64
C VAL B 30 3.98 5.25 -16.16
N SER B 31 2.94 5.89 -15.61
CA SER B 31 3.06 7.31 -15.27
C SER B 31 4.19 7.50 -14.26
N GLU B 32 4.52 6.44 -13.52
CA GLU B 32 5.56 6.46 -12.46
C GLU B 32 6.97 6.06 -12.94
N GLY B 33 7.07 5.63 -14.20
CA GLY B 33 8.39 5.25 -14.73
C GLY B 33 8.62 3.77 -14.99
N GLY B 34 7.56 2.95 -14.94
CA GLY B 34 7.62 1.56 -15.40
C GLY B 34 8.35 0.68 -14.39
N PRO B 35 9.47 0.07 -14.82
CA PRO B 35 10.25 -0.78 -13.87
C PRO B 35 10.80 -0.01 -12.64
N THR B 36 10.92 1.32 -12.74
CA THR B 36 11.28 2.17 -11.57
C THR B 36 10.13 2.90 -10.86
N ALA B 37 8.90 2.48 -11.14
CA ALA B 37 7.72 2.94 -10.40
C ALA B 37 7.81 2.54 -8.93
N THR B 38 6.97 3.14 -8.08
CA THR B 38 6.87 2.81 -6.69
C THR B 38 6.52 1.31 -6.50
N ILE B 39 7.00 0.75 -5.41
CA ILE B 39 6.72 -0.62 -5.02
CA ILE B 39 6.71 -0.63 -5.06
C ILE B 39 5.19 -0.83 -4.95
N GLN B 40 4.50 0.08 -4.27
CA GLN B 40 3.02 -0.08 -4.13
C GLN B 40 2.31 -0.15 -5.46
N SER B 41 2.60 0.75 -6.40
CA SER B 41 1.85 0.73 -7.67
C SER B 41 2.23 -0.46 -8.54
N ARG B 42 3.50 -0.88 -8.46
CA ARG B 42 3.95 -2.06 -9.18
C ARG B 42 3.34 -3.31 -8.56
N PHE B 43 3.19 -3.35 -7.25
CA PHE B 43 2.45 -4.45 -6.60
C PHE B 43 0.97 -4.49 -7.02
N ASN B 44 0.30 -3.32 -7.04
CA ASN B 44 -1.10 -3.30 -7.43
C ASN B 44 -1.28 -3.89 -8.82
N TYR B 45 -0.46 -3.48 -9.75
CA TYR B 45 -0.54 -3.96 -11.13
C TYR B 45 -0.25 -5.51 -11.19
N ALA B 46 0.84 -5.92 -10.56
CA ALA B 46 1.23 -7.32 -10.46
C ALA B 46 0.12 -8.23 -9.94
N TRP B 47 -0.60 -7.80 -8.89
CA TRP B 47 -1.65 -8.59 -8.29
C TRP B 47 -2.87 -8.58 -9.22
N GLY B 48 -3.12 -7.45 -9.90
CA GLY B 48 -4.24 -7.46 -10.84
C GLY B 48 -3.91 -8.40 -11.99
N LEU B 49 -2.63 -8.47 -12.37
CA LEU B 49 -2.19 -9.36 -13.46
C LEU B 49 -2.31 -10.84 -13.04
N ILE B 50 -1.96 -11.14 -11.81
CA ILE B 50 -2.14 -12.54 -11.29
C ILE B 50 -3.63 -12.96 -11.27
N LYS B 51 -4.49 -11.99 -11.00
CA LYS B 51 -5.97 -12.22 -10.97
C LYS B 51 -6.55 -12.39 -12.37
N SER B 52 -5.81 -11.94 -13.39
CA SER B 52 -6.23 -12.13 -14.79
C SER B 52 -6.31 -13.58 -15.12
N THR B 53 -7.18 -13.94 -16.07
CA THR B 53 -7.25 -15.32 -16.53
C THR B 53 -6.23 -15.64 -17.64
N ASP B 54 -5.57 -14.63 -18.18
CA ASP B 54 -4.56 -14.76 -19.24
C ASP B 54 -3.25 -15.28 -18.63
N VAL B 55 -2.74 -16.42 -19.12
CA VAL B 55 -1.47 -16.99 -18.61
CA VAL B 55 -1.46 -16.97 -18.60
C VAL B 55 -0.30 -15.99 -18.75
N ASN B 56 -0.26 -15.28 -19.87
CA ASN B 56 0.80 -14.28 -20.10
C ASN B 56 0.79 -13.18 -19.04
N ASP B 57 -0.39 -12.65 -18.74
CA ASP B 57 -0.60 -11.69 -17.65
C ASP B 57 -0.15 -12.26 -16.31
N GLU B 58 -0.53 -13.51 -15.99
CA GLU B 58 -0.16 -14.09 -14.72
C GLU B 58 1.35 -14.21 -14.60
N ARG B 59 2.02 -14.64 -15.66
CA ARG B 59 3.49 -14.75 -15.61
C ARG B 59 4.20 -13.37 -15.40
N LEU B 60 3.71 -12.34 -16.09
CA LEU B 60 4.21 -10.98 -15.91
C LEU B 60 4.03 -10.57 -14.45
N GLY B 61 2.83 -10.81 -13.89
CA GLY B 61 2.62 -10.43 -12.47
C GLY B 61 3.53 -11.18 -11.48
N VAL B 62 3.81 -12.47 -11.74
CA VAL B 62 4.80 -13.21 -10.90
C VAL B 62 6.18 -12.59 -11.04
N LYS B 63 6.58 -12.23 -12.26
CA LYS B 63 7.87 -11.62 -12.46
C LYS B 63 8.02 -10.30 -11.69
N ILE B 64 7.04 -9.43 -11.84
CA ILE B 64 7.07 -8.14 -11.11
C ILE B 64 7.16 -8.35 -9.60
N LEU B 65 6.40 -9.31 -9.07
CA LEU B 65 6.46 -9.66 -7.66
C LEU B 65 7.89 -10.17 -7.21
N THR B 66 8.51 -10.95 -8.07
CA THR B 66 9.91 -11.39 -7.83
C THR B 66 10.86 -10.19 -7.83
N ASP B 67 10.67 -9.23 -8.76
CA ASP B 67 11.48 -8.01 -8.74
C ASP B 67 11.29 -7.29 -7.40
N ILE B 68 10.05 -7.18 -6.93
CA ILE B 68 9.74 -6.47 -5.67
CA ILE B 68 9.78 -6.46 -5.68
C ILE B 68 10.45 -7.21 -4.53
N TYR B 69 10.27 -8.53 -4.49
CA TYR B 69 10.95 -9.40 -3.50
C TYR B 69 12.45 -9.07 -3.45
N LYS B 70 13.12 -9.04 -4.61
CA LYS B 70 14.58 -8.82 -4.60
C LYS B 70 14.94 -7.42 -4.11
N GLU B 71 14.16 -6.41 -4.55
CA GLU B 71 14.54 -5.05 -4.20
C GLU B 71 14.16 -4.60 -2.77
N ALA B 72 13.17 -5.24 -2.18
CA ALA B 72 12.71 -4.75 -0.87
C ALA B 72 12.72 -5.83 0.21
N GLU B 73 13.76 -5.82 1.05
CA GLU B 73 13.89 -6.88 2.07
C GLU B 73 12.66 -6.91 3.01
N SER B 74 12.11 -5.73 3.29
CA SER B 74 11.01 -5.57 4.22
C SER B 74 9.73 -6.21 3.61
N ARG B 75 9.75 -6.50 2.30
CA ARG B 75 8.56 -7.08 1.67
C ARG B 75 8.67 -8.57 1.35
N ARG B 76 9.80 -9.22 1.66
CA ARG B 76 10.06 -10.53 1.14
C ARG B 76 9.07 -11.56 1.74
N ARG B 77 8.83 -11.42 3.05
CA ARG B 77 7.85 -12.24 3.79
C ARG B 77 6.49 -12.28 3.06
N GLU B 78 5.85 -11.13 2.89
CA GLU B 78 4.52 -11.15 2.26
C GLU B 78 4.62 -11.54 0.80
N CYS B 79 5.71 -11.15 0.13
CA CYS B 79 5.93 -11.57 -1.29
C CYS B 79 6.04 -13.05 -1.51
N LEU B 80 6.67 -13.82 -0.59
CA LEU B 80 6.68 -15.30 -0.76
C LEU B 80 5.26 -15.85 -0.81
N TYR B 81 4.37 -15.24 -0.02
CA TYR B 81 2.97 -15.66 0.02
C TYR B 81 2.29 -15.37 -1.29
N TYR B 82 2.41 -14.11 -1.74
CA TYR B 82 1.80 -13.77 -3.01
C TYR B 82 2.35 -14.62 -4.18
N LEU B 83 3.68 -14.79 -4.24
CA LEU B 83 4.34 -15.60 -5.27
C LEU B 83 3.87 -17.05 -5.29
N THR B 84 3.59 -17.61 -4.12
CA THR B 84 3.12 -19.00 -4.01
C THR B 84 1.75 -19.11 -4.74
N ILE B 85 0.83 -18.18 -4.46
CA ILE B 85 -0.48 -18.15 -5.11
C ILE B 85 -0.35 -17.96 -6.65
N GLY B 86 0.45 -16.97 -7.07
CA GLY B 86 0.71 -16.76 -8.51
C GLY B 86 1.26 -18.03 -9.19
N CYS B 87 2.29 -18.63 -8.59
CA CYS B 87 2.85 -19.87 -9.15
C CYS B 87 1.84 -21.01 -9.16
N TYR B 88 1.04 -21.11 -8.09
CA TYR B 88 -0.03 -22.16 -8.01
C TYR B 88 -1.00 -21.97 -9.15
N LYS B 89 -1.38 -20.73 -9.41
CA LYS B 89 -2.33 -20.40 -10.47
C LYS B 89 -1.79 -20.79 -11.87
N LEU B 90 -0.47 -20.68 -12.02
CA LEU B 90 0.22 -21.05 -13.26
C LEU B 90 0.52 -22.56 -13.46
N GLY B 91 0.27 -23.35 -12.43
CA GLY B 91 0.64 -24.78 -12.45
C GLY B 91 2.14 -24.95 -12.24
N GLU B 92 2.79 -23.92 -11.72
CA GLU B 92 4.22 -23.99 -11.40
C GLU B 92 4.37 -24.43 -9.95
N TYR B 93 4.04 -25.69 -9.69
CA TYR B 93 3.92 -26.19 -8.32
C TYR B 93 5.28 -26.28 -7.66
N SER B 94 6.30 -26.59 -8.44
CA SER B 94 7.67 -26.68 -7.91
C SER B 94 8.14 -25.36 -7.29
N MET B 95 7.91 -24.24 -7.99
CA MET B 95 8.25 -22.95 -7.46
C MET B 95 7.37 -22.63 -6.25
N ALA B 96 6.06 -22.94 -6.35
CA ALA B 96 5.11 -22.57 -5.29
C ALA B 96 5.53 -23.30 -3.98
N LYS B 97 5.90 -24.56 -4.14
CA LYS B 97 6.34 -25.41 -3.00
C LYS B 97 7.60 -24.84 -2.39
N ARG B 98 8.58 -24.49 -3.21
CA ARG B 98 9.84 -23.93 -2.72
C ARG B 98 9.57 -22.69 -1.87
N TYR B 99 8.80 -21.72 -2.42
CA TYR B 99 8.45 -20.47 -1.72
C TYR B 99 7.63 -20.63 -0.44
N VAL B 100 6.53 -21.40 -0.51
CA VAL B 100 5.67 -21.63 0.67
C VAL B 100 6.39 -22.40 1.80
N ASP B 101 7.26 -23.34 1.42
CA ASP B 101 8.00 -24.11 2.42
C ASP B 101 8.98 -23.21 3.14
N THR B 102 9.59 -22.28 2.38
CA THR B 102 10.57 -21.30 3.00
C THR B 102 9.84 -20.42 3.98
N LEU B 103 8.69 -19.89 3.57
CA LEU B 103 7.82 -19.06 4.40
C LEU B 103 7.28 -19.78 5.63
N PHE B 104 6.74 -20.98 5.42
CA PHE B 104 6.22 -21.81 6.54
C PHE B 104 7.29 -22.11 7.59
N GLU B 105 8.48 -22.44 7.13
CA GLU B 105 9.54 -22.71 8.06
C GLU B 105 9.93 -21.49 8.91
N HIS B 106 9.76 -20.29 8.34
CA HIS B 106 10.07 -19.03 9.01
C HIS B 106 9.06 -18.82 10.12
N GLU B 107 7.82 -19.25 9.89
CA GLU B 107 6.75 -19.06 10.88
C GLU B 107 5.70 -20.15 10.83
N ARG B 108 5.97 -21.27 11.53
CA ARG B 108 5.09 -22.44 11.49
C ARG B 108 3.70 -22.23 12.05
N ASN B 109 3.55 -21.26 12.96
CA ASN B 109 2.26 -20.98 13.58
C ASN B 109 1.35 -20.13 12.70
N ASN B 110 1.84 -19.75 11.52
CA ASN B 110 0.99 -18.99 10.59
C ASN B 110 0.03 -19.94 9.88
N LYS B 111 -1.21 -19.97 10.37
CA LYS B 111 -2.27 -20.83 9.83
C LYS B 111 -2.62 -20.64 8.35
N GLN B 112 -2.68 -19.39 7.90
CA GLN B 112 -2.85 -19.05 6.49
C GLN B 112 -1.76 -19.68 5.61
N VAL B 113 -0.51 -19.57 6.05
CA VAL B 113 0.60 -20.21 5.32
C VAL B 113 0.54 -21.75 5.31
N GLY B 114 0.26 -22.36 6.45
CA GLY B 114 0.07 -23.80 6.53
C GLY B 114 -1.03 -24.32 5.60
N ALA B 115 -2.18 -23.63 5.62
CA ALA B 115 -3.31 -23.93 4.72
C ALA B 115 -2.92 -23.86 3.23
N LEU B 116 -2.26 -22.77 2.83
CA LEU B 116 -1.69 -22.68 1.50
C LEU B 116 -0.67 -23.79 1.18
N LYS B 117 0.30 -24.04 2.06
CA LYS B 117 1.22 -25.14 1.85
C LYS B 117 0.45 -26.44 1.56
N SER B 118 -0.62 -26.71 2.31
CA SER B 118 -1.39 -27.96 2.11
C SER B 118 -2.02 -28.04 0.75
N MET B 119 -2.60 -26.92 0.32
CA MET B 119 -3.21 -26.82 -1.01
C MET B 119 -2.19 -27.15 -2.09
N VAL B 120 -1.02 -26.50 -2.01
CA VAL B 120 0.06 -26.73 -2.97
C VAL B 120 0.45 -28.22 -2.99
N GLU B 121 0.71 -28.77 -1.82
CA GLU B 121 1.07 -30.19 -1.71
C GLU B 121 -0.04 -31.13 -2.21
N ASP B 122 -1.31 -30.78 -1.98
CA ASP B 122 -2.43 -31.58 -2.55
C ASP B 122 -2.38 -31.65 -4.08
N LYS B 123 -2.20 -30.50 -4.73
CA LYS B 123 -2.12 -30.44 -6.19
C LYS B 123 -0.91 -31.26 -6.72
N ILE B 124 0.25 -31.14 -6.05
CA ILE B 124 1.42 -31.95 -6.40
C ILE B 124 1.15 -33.47 -6.30
N GLN B 125 0.51 -33.89 -5.20
CA GLN B 125 0.06 -35.27 -5.04
C GLN B 125 -0.92 -35.68 -6.15
N LYS B 126 -1.86 -34.79 -6.48
CA LYS B 126 -2.79 -35.06 -7.58
C LYS B 126 -2.08 -35.27 -8.92
N GLU B 127 -1.04 -34.48 -9.19
CA GLU B 127 -0.28 -34.59 -10.45
C GLU B 127 0.36 -35.97 -10.63
N THR B 128 0.66 -36.64 -9.53
CA THR B 128 1.11 -38.05 -9.58
C THR B 128 -0.10 -38.95 -9.80
N SER C 21 -16.94 28.70 15.70
CA SER C 21 -15.69 29.47 15.99
C SER C 21 -14.42 28.71 15.58
N ALA C 22 -13.28 29.20 16.08
CA ALA C 22 -11.98 28.56 15.92
C ALA C 22 -11.49 28.02 17.26
N THR C 23 -12.20 28.37 18.34
CA THR C 23 -11.85 27.90 19.68
C THR C 23 -12.17 26.42 19.77
N THR C 24 -13.28 26.04 19.15
CA THR C 24 -13.67 24.64 18.99
C THR C 24 -12.65 23.81 18.16
N PHE C 25 -12.11 24.39 17.08
CA PHE C 25 -11.05 23.74 16.31
C PHE C 25 -9.82 23.49 17.20
N ARG C 26 -9.38 24.56 17.88
CA ARG C 26 -8.25 24.51 18.83
C ARG C 26 -8.39 23.44 19.92
N ILE C 27 -9.59 23.30 20.49
CA ILE C 27 -9.91 22.20 21.42
C ILE C 27 -9.79 20.82 20.78
N LEU C 28 -10.49 20.60 19.66
CA LEU C 28 -10.55 19.28 19.03
C LEU C 28 -9.20 18.83 18.42
N ALA C 29 -8.38 19.80 18.01
CA ALA C 29 -7.09 19.53 17.37
C ALA C 29 -5.90 19.83 18.29
N HIS C 30 -6.18 19.85 19.60
CA HIS C 30 -5.15 20.13 20.59
C HIS C 30 -4.19 18.95 20.68
N LEU C 31 -2.90 19.25 20.77
CA LEU C 31 -1.90 18.18 20.82
C LEU C 31 -0.91 18.32 21.99
N ASP C 32 -1.09 17.46 22.99
CA ASP C 32 -0.16 17.40 24.13
C ASP C 32 1.10 16.68 23.68
N GLU C 33 2.12 17.48 23.37
CA GLU C 33 3.37 16.99 22.78
C GLU C 33 4.19 16.13 23.76
N GLN C 34 4.07 16.44 25.06
CA GLN C 34 4.70 15.67 26.14
C GLN C 34 4.04 14.29 26.28
N ARG C 35 2.68 14.33 26.17
CA ARG C 35 1.84 13.13 26.25
C ARG C 35 2.02 12.24 25.01
N TYR C 36 2.16 12.86 23.83
CA TYR C 36 2.37 12.12 22.60
C TYR C 36 3.73 12.47 21.98
N PRO C 37 4.83 11.94 22.56
CA PRO C 37 6.15 12.36 22.08
C PRO C 37 6.58 11.65 20.79
N LEU C 38 7.58 12.21 20.12
CA LEU C 38 8.21 11.56 18.99
C LEU C 38 9.14 10.43 19.50
N PRO C 39 9.21 9.30 18.76
CA PRO C 39 10.12 8.24 19.17
C PRO C 39 11.54 8.44 18.62
N GLU C 44 12.62 4.82 10.74
CA GLU C 44 12.31 3.43 10.44
C GLU C 44 12.75 3.05 9.04
N LYS C 45 13.07 4.05 8.23
CA LYS C 45 13.85 3.90 6.97
C LYS C 45 13.35 2.83 5.95
N ASN C 46 12.06 2.39 6.17
CA ASN C 46 11.51 1.40 5.17
C ASN C 46 9.97 1.61 5.09
N LEU C 47 9.57 2.79 5.54
CA LEU C 47 8.15 3.12 5.62
C LEU C 47 7.78 4.27 4.67
N PRO C 48 7.15 3.94 3.51
CA PRO C 48 6.68 4.94 2.54
C PRO C 48 5.81 6.01 3.20
N SER C 49 6.01 7.27 2.83
CA SER C 49 5.28 8.36 3.47
C SER C 49 3.80 8.21 3.11
N LEU C 50 2.93 8.76 3.94
CA LEU C 50 1.51 8.82 3.64
C LEU C 50 1.26 9.69 2.38
N PHE C 51 2.01 10.78 2.25
CA PHE C 51 1.89 11.65 1.08
C PHE C 51 2.13 10.94 -0.26
N GLU C 52 3.07 9.99 -0.30
CA GLU C 52 3.29 9.19 -1.53
C GLU C 52 1.99 8.51 -1.98
N GLY C 53 1.27 7.94 -1.03
CA GLY C 53 0.03 7.26 -1.35
C GLY C 53 -1.07 8.22 -1.77
N PHE C 54 -1.08 9.44 -1.19
CA PHE C 54 -2.04 10.45 -1.59
C PHE C 54 -1.86 10.70 -3.08
N LYS C 55 -0.60 10.91 -3.47
CA LYS C 55 -0.31 11.39 -4.80
C LYS C 55 -0.67 10.32 -5.83
N ALA C 56 -0.45 9.05 -5.48
CA ALA C 56 -0.81 7.92 -6.35
C ALA C 56 -2.31 7.81 -6.47
N THR C 57 -3.00 8.01 -5.37
CA THR C 57 -4.46 7.86 -5.36
C THR C 57 -5.14 8.96 -6.18
N VAL C 58 -4.64 10.19 -6.08
CA VAL C 58 -5.20 11.31 -6.84
C VAL C 58 -4.98 11.11 -8.33
N SER C 59 -3.83 10.54 -8.69
CA SER C 59 -3.54 10.15 -10.08
C SER C 59 -4.54 9.11 -10.62
N ILE C 60 -4.80 8.04 -9.87
CA ILE C 60 -5.75 7.05 -10.37
C ILE C 60 -7.21 7.55 -10.38
N ILE C 61 -7.55 8.48 -9.49
CA ILE C 61 -8.88 9.11 -9.48
C ILE C 61 -9.16 9.84 -10.78
N GLN C 62 -8.10 10.36 -11.41
CA GLN C 62 -8.23 11.14 -12.65
C GLN C 62 -8.79 10.32 -13.80
N GLN C 63 -8.55 9.00 -13.79
CA GLN C 63 -9.24 8.08 -14.73
C GLN C 63 -10.58 7.55 -14.20
N ARG C 64 -10.55 6.69 -13.18
CA ARG C 64 -11.73 5.97 -12.66
C ARG C 64 -12.60 5.37 -13.80
N TYR D 18 12.00 -21.16 -31.28
CA TYR D 18 13.16 -21.95 -30.73
C TYR D 18 12.80 -22.73 -29.44
N ALA D 19 12.05 -22.06 -28.56
CA ALA D 19 11.50 -22.60 -27.29
C ALA D 19 10.92 -21.37 -26.61
N ASP D 20 10.42 -21.46 -25.39
CA ASP D 20 9.26 -22.19 -24.97
C ASP D 20 9.06 -21.10 -23.95
N SER D 21 8.08 -20.22 -24.15
CA SER D 21 8.00 -19.02 -23.30
C SER D 21 8.01 -19.38 -21.81
N ALA D 22 7.53 -20.58 -21.46
CA ALA D 22 7.58 -21.06 -20.06
C ALA D 22 9.02 -21.09 -19.53
N THR D 23 9.94 -21.56 -20.37
CA THR D 23 11.39 -21.64 -20.09
C THR D 23 11.98 -20.26 -19.81
N THR D 24 11.66 -19.32 -20.68
CA THR D 24 12.02 -17.92 -20.48
C THR D 24 11.43 -17.29 -19.24
N PHE D 25 10.14 -17.52 -18.99
CA PHE D 25 9.48 -17.05 -17.76
C PHE D 25 10.26 -17.51 -16.54
N ARG D 26 10.65 -18.78 -16.51
CA ARG D 26 11.33 -19.32 -15.32
C ARG D 26 12.69 -18.70 -15.05
N ILE D 27 13.40 -18.32 -16.11
CA ILE D 27 14.65 -17.57 -15.93
C ILE D 27 14.40 -16.12 -15.46
N LEU D 28 13.49 -15.42 -16.12
CA LEU D 28 13.25 -14.01 -15.82
C LEU D 28 12.61 -13.84 -14.44
N ALA D 29 11.88 -14.86 -14.02
CA ALA D 29 11.23 -14.88 -12.71
C ALA D 29 11.97 -15.80 -11.73
N HIS D 30 13.25 -16.03 -11.97
CA HIS D 30 13.99 -16.90 -11.08
C HIS D 30 14.34 -16.23 -9.75
N LEU D 31 14.08 -16.92 -8.66
CA LEU D 31 14.38 -16.37 -7.33
C LEU D 31 15.34 -17.28 -6.60
N ASP D 32 16.55 -16.79 -6.41
CA ASP D 32 17.57 -17.55 -5.69
C ASP D 32 17.47 -17.09 -4.26
N GLU D 33 16.95 -17.95 -3.40
CA GLU D 33 16.64 -17.53 -2.02
C GLU D 33 17.87 -17.37 -1.14
N GLN D 34 18.98 -17.99 -1.53
CA GLN D 34 20.28 -17.81 -0.90
C GLN D 34 20.82 -16.40 -1.17
N ARG D 35 20.60 -15.89 -2.38
CA ARG D 35 21.08 -14.57 -2.76
C ARG D 35 20.18 -13.46 -2.25
N TYR D 36 18.89 -13.76 -2.04
CA TYR D 36 17.93 -12.81 -1.49
C TYR D 36 17.17 -13.46 -0.33
N PRO D 37 17.83 -13.66 0.82
CA PRO D 37 17.22 -14.32 1.98
C PRO D 37 16.11 -13.50 2.70
N LEU D 38 15.16 -14.26 3.23
CA LEU D 38 14.13 -13.73 4.09
C LEU D 38 14.82 -13.18 5.34
N PRO D 39 14.44 -11.96 5.77
CA PRO D 39 14.92 -11.54 7.07
C PRO D 39 14.29 -12.27 8.29
N ASN D 40 14.99 -12.26 9.42
CA ASN D 40 14.41 -12.82 10.63
C ASN D 40 14.28 -11.77 11.72
N GLY D 41 13.09 -11.61 12.30
CA GLY D 41 11.90 -12.38 11.95
C GLY D 41 10.69 -11.76 12.61
N ALA D 42 9.52 -11.95 12.00
CA ALA D 42 8.24 -11.31 12.40
C ALA D 42 7.81 -10.15 11.49
N ALA D 43 8.60 -9.08 11.33
CA ALA D 43 9.68 -8.59 12.19
C ALA D 43 9.43 -7.09 12.30
N GLU D 44 8.39 -6.66 11.58
CA GLU D 44 8.01 -5.26 11.40
C GLU D 44 6.50 -5.09 11.52
N LYS D 45 6.05 -4.67 12.70
CA LYS D 45 4.68 -4.22 12.90
C LYS D 45 4.57 -2.83 12.26
N ASN D 46 3.37 -2.26 12.26
CA ASN D 46 3.16 -0.91 11.74
C ASN D 46 3.42 -0.76 10.23
N LEU D 47 3.76 -1.86 9.57
CA LEU D 47 3.91 -1.84 8.10
C LEU D 47 2.69 -2.50 7.42
N PRO D 48 1.76 -1.69 6.90
CA PRO D 48 0.55 -2.25 6.28
C PRO D 48 0.93 -3.17 5.12
N SER D 49 0.18 -4.25 4.90
CA SER D 49 0.49 -5.13 3.74
C SER D 49 0.36 -4.35 2.47
N LEU D 50 1.14 -4.71 1.44
CA LEU D 50 0.91 -4.26 0.07
C LEU D 50 -0.53 -4.60 -0.36
N PHE D 51 -1.03 -5.79 0.01
CA PHE D 51 -2.41 -6.13 -0.36
C PHE D 51 -3.47 -5.15 0.23
N GLU D 52 -3.26 -4.64 1.45
CA GLU D 52 -4.16 -3.59 1.96
C GLU D 52 -4.27 -2.38 1.00
N GLY D 53 -3.14 -1.94 0.44
CA GLY D 53 -3.15 -0.79 -0.50
C GLY D 53 -3.88 -1.15 -1.78
N PHE D 54 -3.68 -2.39 -2.22
CA PHE D 54 -4.38 -2.89 -3.41
C PHE D 54 -5.90 -2.82 -3.20
N LYS D 55 -6.39 -3.32 -2.07
CA LYS D 55 -7.82 -3.28 -1.80
C LYS D 55 -8.37 -1.83 -1.88
N ALA D 56 -7.68 -0.90 -1.22
CA ALA D 56 -8.16 0.49 -1.16
C ALA D 56 -8.19 1.16 -2.54
N THR D 57 -7.12 0.98 -3.31
CA THR D 57 -7.05 1.46 -4.69
C THR D 57 -8.12 0.89 -5.62
N VAL D 58 -8.31 -0.45 -5.59
CA VAL D 58 -9.38 -1.05 -6.40
C VAL D 58 -10.74 -0.47 -6.01
N SER D 59 -10.94 -0.26 -4.72
CA SER D 59 -12.20 0.34 -4.25
C SER D 59 -12.42 1.76 -4.79
N ILE D 60 -11.34 2.56 -4.78
CA ILE D 60 -11.28 3.91 -5.36
C ILE D 60 -11.61 3.81 -6.85
N ILE D 61 -11.04 2.83 -7.56
CA ILE D 61 -11.34 2.69 -8.98
C ILE D 61 -12.84 2.34 -9.11
N GLN D 62 -13.34 1.68 -8.06
CA GLN D 62 -14.71 1.14 -7.93
C GLN D 62 -14.86 -0.25 -8.55
AU AU E . 6.24 -2.38 -15.79
AU AU E . 6.77 -4.92 -16.91
AU AU F . -9.41 -8.12 -3.71
#